data_2BA9
#
_entry.id   2BA9
#
_cell.length_a   133.707
_cell.length_b   60.759
_cell.length_c   72.158
_cell.angle_alpha   90.00
_cell.angle_beta   115.85
_cell.angle_gamma   90.00
#
_symmetry.space_group_name_H-M   'C 1 2 1'
#
loop_
_entity.id
_entity.type
_entity.pdbx_description
1 polymer 'putative aminooxidase'
2 non-polymer 'SODIUM ION'
3 non-polymer 'FLAVIN-ADENINE DINUCLEOTIDE'
4 non-polymer 'DODECAETHYLENE GLYCOL'
5 water water
#
_entity_poly.entity_id   1
_entity_poly.type   'polypeptide(L)'
_entity_poly.pdbx_seq_one_letter_code
;MSISKDSRIAIIGAGPAGLAAGMYLEQAGFHDYTILERTDHVGGKCHSPNYHGRRYEMGAIMGVPSYDTIQEIMDRTGDK
VDGPKLRREFLHEDGEIYVPEKDPVRGPQVMAAVQKLGQLLATKYQGYDANGHYNKVHEDLMLPFDEFLALNGCEAARDL
WINPFTAFGYGHFDNVPAAYVLKYLDFVTMMSFAKGDLWTWADGTQAMFEHLNATLEHPAERNVDITRITREDGKVHIHT
TDWDRESDVLVLTVPLEKFLDYSDADDDEREYFSKIIHQQYMVDACLVKEYPTISGYVPDNMRPERLGHVMVYYHRWADD
PHQIITTYLLRNHPDYADKTQEECRQMVLDDMETFGHPVEKIIEEQTWYYFPHVSSEDYKAGWYEKVEGMQGRRNTFYAG
EIMSFGNFDEVCHYSKDLVTRFFV
;
_entity_poly.pdbx_strand_id   A
#
loop_
_chem_comp.id
_chem_comp.type
_chem_comp.name
_chem_comp.formula
12P non-polymer 'DODECAETHYLENE GLYCOL' 'C24 H50 O13'
FAD non-polymer 'FLAVIN-ADENINE DINUCLEOTIDE' 'C27 H33 N9 O15 P2'
NA non-polymer 'SODIUM ION' 'Na 1'
#
# COMPACT_ATOMS: atom_id res chain seq x y z
N SER A 2 2.36 11.13 -25.96
CA SER A 2 3.44 11.78 -26.72
C SER A 2 4.51 10.75 -27.13
N ILE A 3 4.27 9.48 -26.79
CA ILE A 3 5.11 8.36 -27.19
C ILE A 3 4.50 7.70 -28.43
N SER A 4 5.35 7.19 -29.33
CA SER A 4 4.89 6.44 -30.50
C SER A 4 4.39 5.04 -30.08
N LYS A 5 3.35 4.54 -30.75
CA LYS A 5 2.76 3.22 -30.44
C LYS A 5 3.70 2.06 -30.79
N ASP A 6 4.64 2.32 -31.70
CA ASP A 6 5.69 1.33 -32.01
C ASP A 6 6.83 1.36 -30.99
N SER A 7 6.65 2.10 -29.90
CA SER A 7 7.65 2.11 -28.85
C SER A 7 7.62 0.76 -28.13
N ARG A 8 8.83 0.21 -27.95
CA ARG A 8 9.03 -0.96 -27.12
C ARG A 8 9.13 -0.47 -25.69
N ILE A 9 8.17 -0.88 -24.88
CA ILE A 9 8.07 -0.39 -23.51
C ILE A 9 8.35 -1.53 -22.54
N ALA A 10 9.28 -1.30 -21.62
CA ALA A 10 9.64 -2.29 -20.61
C ALA A 10 9.05 -1.83 -19.29
N ILE A 11 8.16 -2.64 -18.74
CA ILE A 11 7.55 -2.37 -17.44
C ILE A 11 8.23 -3.22 -16.38
N ILE A 12 8.85 -2.58 -15.37
CA ILE A 12 9.49 -3.37 -14.29
C ILE A 12 8.54 -3.52 -13.10
N GLY A 13 8.34 -4.77 -12.68
CA GLY A 13 7.41 -5.13 -11.60
C GLY A 13 6.08 -5.61 -12.16
N ALA A 14 5.64 -6.80 -11.74
CA ALA A 14 4.29 -7.31 -12.07
C ALA A 14 3.38 -7.41 -10.84
N GLY A 15 3.41 -6.37 -10.02
CA GLY A 15 2.39 -6.17 -8.98
C GLY A 15 1.26 -5.38 -9.61
N PRO A 16 0.27 -4.97 -8.81
CA PRO A 16 -0.84 -4.18 -9.32
C PRO A 16 -0.44 -3.01 -10.26
N ALA A 17 0.61 -2.27 -9.90
CA ALA A 17 1.03 -1.09 -10.66
C ALA A 17 1.57 -1.47 -12.05
N GLY A 18 2.39 -2.52 -12.11
CA GLY A 18 2.96 -2.99 -13.38
C GLY A 18 1.89 -3.58 -14.27
N LEU A 19 1.08 -4.45 -13.69
CA LEU A 19 0.00 -5.09 -14.42
C LEU A 19 -1.00 -4.07 -14.95
N ALA A 20 -1.28 -3.04 -14.17
CA ALA A 20 -2.20 -1.96 -14.59
C ALA A 20 -1.60 -1.11 -15.69
N ALA A 21 -0.30 -0.88 -15.60
CA ALA A 21 0.42 -0.13 -16.61
C ALA A 21 0.29 -0.84 -17.94
N GLY A 22 0.47 -2.16 -17.91
CA GLY A 22 0.29 -2.99 -19.09
C GLY A 22 -1.12 -2.92 -19.64
N MET A 23 -2.10 -3.18 -18.77
CA MET A 23 -3.53 -3.08 -19.14
C MET A 23 -3.86 -1.78 -19.86
N TYR A 24 -3.47 -0.66 -19.27
CA TYR A 24 -3.89 0.64 -19.79
C TYR A 24 -3.09 1.12 -20.99
N LEU A 25 -1.85 0.65 -21.09
CA LEU A 25 -1.06 0.89 -22.30
C LEU A 25 -1.70 0.11 -23.46
N GLU A 26 -1.97 -1.17 -23.23
CA GLU A 26 -2.62 -2.01 -24.22
C GLU A 26 -3.88 -1.32 -24.74
N GLN A 27 -4.74 -0.88 -23.81
CA GLN A 27 -6.03 -0.25 -24.15
C GLN A 27 -5.93 1.08 -24.90
N ALA A 28 -4.81 1.78 -24.72
CA ALA A 28 -4.50 3.01 -25.47
C ALA A 28 -3.87 2.74 -26.82
N GLY A 29 -3.60 1.48 -27.14
CA GLY A 29 -3.05 1.10 -28.44
C GLY A 29 -1.55 0.91 -28.45
N PHE A 30 -0.96 0.77 -27.27
CA PHE A 30 0.47 0.46 -27.15
C PHE A 30 0.63 -1.06 -26.93
N HIS A 31 0.92 -1.79 -28.01
CA HIS A 31 0.94 -3.27 -27.97
C HIS A 31 2.31 -3.94 -27.81
N ASP A 32 3.37 -3.14 -27.87
CA ASP A 32 4.74 -3.67 -27.74
C ASP A 32 5.27 -3.32 -26.35
N TYR A 33 4.65 -3.90 -25.34
CA TYR A 33 5.10 -3.74 -23.98
C TYR A 33 5.56 -5.09 -23.47
N THR A 34 6.48 -5.07 -22.50
CA THR A 34 6.93 -6.27 -21.81
C THR A 34 6.99 -5.95 -20.33
N ILE A 35 6.39 -6.81 -19.51
CA ILE A 35 6.45 -6.68 -18.06
C ILE A 35 7.47 -7.64 -17.47
N LEU A 36 8.41 -7.11 -16.70
CA LEU A 36 9.50 -7.93 -16.14
C LEU A 36 9.38 -8.06 -14.61
N GLU A 37 9.16 -9.31 -14.17
CA GLU A 37 8.93 -9.64 -12.76
C GLU A 37 10.04 -10.51 -12.22
N ARG A 38 10.56 -10.14 -11.05
CA ARG A 38 11.70 -10.80 -10.41
C ARG A 38 11.31 -12.19 -9.88
N THR A 39 10.15 -12.31 -9.26
CA THR A 39 9.72 -13.57 -8.65
C THR A 39 9.02 -14.46 -9.67
N ASP A 40 8.51 -15.60 -9.19
CA ASP A 40 7.78 -16.55 -10.04
C ASP A 40 6.27 -16.31 -10.00
N HIS A 41 5.85 -15.13 -9.53
CA HIS A 41 4.45 -14.86 -9.32
C HIS A 41 4.11 -13.39 -9.51
N VAL A 42 2.82 -13.14 -9.66
CA VAL A 42 2.29 -11.82 -9.98
C VAL A 42 1.29 -11.41 -8.90
N GLY A 43 1.20 -10.10 -8.66
CA GLY A 43 0.32 -9.56 -7.64
C GLY A 43 1.07 -8.77 -6.59
N GLY A 44 2.39 -8.98 -6.51
CA GLY A 44 3.21 -8.36 -5.47
C GLY A 44 2.66 -8.54 -4.06
N LYS A 45 2.23 -7.44 -3.45
CA LYS A 45 1.77 -7.46 -2.05
C LYS A 45 0.25 -7.74 -1.93
N CYS A 46 -0.39 -7.95 -3.07
CA CYS A 46 -1.65 -8.70 -3.12
C CYS A 46 -1.24 -10.15 -3.27
N HIS A 47 -1.18 -10.84 -2.13
CA HIS A 47 -0.56 -12.16 -2.05
C HIS A 47 -1.40 -13.09 -1.21
N SER A 48 -1.99 -14.08 -1.89
CA SER A 48 -3.03 -14.92 -1.30
C SER A 48 -2.72 -16.42 -1.45
N PRO A 49 -1.90 -16.97 -0.55
CA PRO A 49 -1.59 -18.41 -0.62
C PRO A 49 -2.70 -19.32 -0.09
N ASN A 50 -2.52 -20.61 -0.34
CA ASN A 50 -3.52 -21.61 -0.03
C ASN A 50 -3.24 -22.32 1.28
N TYR A 51 -4.31 -22.70 1.97
CA TYR A 51 -4.23 -23.56 3.14
C TYR A 51 -5.57 -24.25 3.33
N HIS A 52 -5.55 -25.58 3.38
CA HIS A 52 -6.75 -26.41 3.56
C HIS A 52 -7.90 -26.00 2.62
N GLY A 53 -7.61 -25.93 1.32
CA GLY A 53 -8.65 -25.74 0.31
C GLY A 53 -9.14 -24.31 0.09
N ARG A 54 -8.58 -23.35 0.82
CA ARG A 54 -9.01 -21.95 0.72
C ARG A 54 -7.78 -21.06 0.82
N ARG A 55 -7.92 -19.84 0.35
CA ARG A 55 -6.81 -18.92 0.32
C ARG A 55 -6.89 -17.93 1.47
N TYR A 56 -5.73 -17.66 2.06
CA TYR A 56 -5.63 -16.63 3.07
C TYR A 56 -4.79 -15.48 2.50
N GLU A 57 -4.78 -14.37 3.22
CA GLU A 57 -4.11 -13.16 2.74
C GLU A 57 -2.85 -12.94 3.57
N MET A 58 -1.73 -12.94 2.88
CA MET A 58 -0.47 -12.48 3.44
C MET A 58 -0.28 -10.99 3.19
N GLY A 59 -1.09 -10.41 2.31
CA GLY A 59 -1.01 -8.98 2.00
C GLY A 59 -2.36 -8.29 2.05
N ALA A 60 -2.61 -7.43 1.05
CA ALA A 60 -3.88 -6.74 0.92
C ALA A 60 -5.05 -7.67 1.10
N ILE A 61 -6.07 -7.14 1.79
CA ILE A 61 -7.33 -7.82 2.05
C ILE A 61 -8.51 -7.12 1.37
N MET A 62 -8.56 -5.80 1.47
CA MET A 62 -9.80 -5.07 1.21
C MET A 62 -9.69 -3.86 0.30
N GLY A 63 -10.87 -3.41 -0.14
CA GLY A 63 -11.05 -2.14 -0.83
C GLY A 63 -12.33 -1.47 -0.36
N VAL A 64 -12.65 -0.33 -0.96
CA VAL A 64 -13.91 0.38 -0.72
C VAL A 64 -14.58 0.62 -2.05
N PRO A 65 -15.90 0.97 -2.03
CA PRO A 65 -16.67 1.16 -3.27
C PRO A 65 -16.13 2.24 -4.18
N SER A 66 -15.34 3.15 -3.62
CA SER A 66 -14.68 4.21 -4.41
C SER A 66 -13.38 3.72 -5.10
N TYR A 67 -13.14 2.41 -5.11
CA TYR A 67 -11.98 1.86 -5.83
C TYR A 67 -12.29 1.76 -7.33
N ASP A 68 -12.51 2.90 -7.96
CA ASP A 68 -12.98 2.95 -9.36
C ASP A 68 -12.08 2.19 -10.33
N THR A 69 -10.75 2.37 -10.22
CA THR A 69 -9.81 1.71 -11.13
C THR A 69 -9.82 0.19 -10.92
N ILE A 70 -9.86 -0.24 -9.67
CA ILE A 70 -10.00 -1.68 -9.40
C ILE A 70 -11.30 -2.23 -9.96
N GLN A 71 -12.38 -1.45 -9.92
CA GLN A 71 -13.63 -1.87 -10.57
C GLN A 71 -13.42 -2.09 -12.08
N GLU A 72 -12.69 -1.18 -12.71
CA GLU A 72 -12.36 -1.35 -14.14
C GLU A 72 -11.56 -2.64 -14.42
N ILE A 73 -10.68 -2.98 -13.48
CA ILE A 73 -9.87 -4.19 -13.56
C ILE A 73 -10.76 -5.42 -13.45
N MET A 74 -11.68 -5.43 -12.49
CA MET A 74 -12.64 -6.55 -12.35
C MET A 74 -13.55 -6.71 -13.59
N ASP A 75 -13.93 -5.60 -14.22
CA ASP A 75 -14.76 -5.65 -15.44
C ASP A 75 -14.02 -6.44 -16.52
N ARG A 76 -12.72 -6.19 -16.59
CA ARG A 76 -11.86 -6.85 -17.58
C ARG A 76 -11.63 -8.33 -17.30
N THR A 77 -11.57 -8.70 -16.03
CA THR A 77 -11.21 -10.09 -15.64
C THR A 77 -12.43 -10.98 -15.36
N GLY A 78 -13.57 -10.35 -15.06
CA GLY A 78 -14.78 -11.09 -14.68
C GLY A 78 -14.87 -11.36 -13.18
N ASP A 79 -13.93 -10.82 -12.41
CA ASP A 79 -13.90 -11.09 -10.97
C ASP A 79 -14.98 -10.28 -10.28
N LYS A 80 -15.41 -10.77 -9.12
CA LYS A 80 -16.47 -10.13 -8.34
C LYS A 80 -15.99 -9.96 -6.93
N VAL A 81 -16.56 -8.95 -6.26
CA VAL A 81 -16.39 -8.78 -4.83
C VAL A 81 -17.23 -9.86 -4.14
N ASP A 82 -16.59 -10.93 -3.69
CA ASP A 82 -17.31 -12.11 -3.18
C ASP A 82 -16.71 -12.71 -1.90
N GLY A 83 -15.89 -11.96 -1.18
CA GLY A 83 -15.22 -12.45 0.01
C GLY A 83 -16.09 -12.40 1.27
N PRO A 84 -15.57 -12.97 2.38
CA PRO A 84 -16.36 -12.93 3.61
C PRO A 84 -16.43 -11.50 4.17
N LYS A 85 -17.58 -11.15 4.74
CA LYS A 85 -17.83 -9.82 5.27
C LYS A 85 -16.84 -9.53 6.39
N LEU A 86 -16.37 -8.28 6.46
CA LEU A 86 -15.44 -7.87 7.50
C LEU A 86 -16.18 -7.30 8.71
N ARG A 87 -15.71 -7.64 9.90
CA ARG A 87 -16.18 -7.00 11.13
C ARG A 87 -15.11 -7.10 12.19
N ARG A 88 -15.19 -6.22 13.18
CA ARG A 88 -14.09 -6.03 14.11
C ARG A 88 -14.56 -5.67 15.51
N GLU A 89 -13.67 -5.87 16.46
CA GLU A 89 -13.84 -5.33 17.79
C GLU A 89 -12.56 -4.57 18.17
N PHE A 90 -12.61 -3.92 19.33
CA PHE A 90 -11.48 -3.13 19.81
C PHE A 90 -11.01 -3.65 21.13
N LEU A 91 -9.68 -3.79 21.23
CA LEU A 91 -9.01 -4.39 22.36
C LEU A 91 -8.02 -3.40 22.94
N HIS A 92 -7.84 -3.45 24.25
CA HIS A 92 -6.75 -2.76 24.91
C HIS A 92 -5.52 -3.66 24.82
N GLU A 93 -4.36 -3.09 25.15
CA GLU A 93 -3.13 -3.84 25.06
C GLU A 93 -3.06 -5.04 25.99
N ASP A 94 -3.95 -5.09 26.99
CA ASP A 94 -4.07 -6.24 27.89
C ASP A 94 -5.15 -7.24 27.47
N GLY A 95 -5.76 -7.03 26.31
CA GLY A 95 -6.77 -7.96 25.81
C GLY A 95 -8.22 -7.67 26.17
N GLU A 96 -8.45 -6.58 26.93
CA GLU A 96 -9.80 -6.16 27.27
C GLU A 96 -10.56 -5.57 26.07
N ILE A 97 -11.74 -6.13 25.82
CA ILE A 97 -12.64 -5.66 24.78
C ILE A 97 -13.29 -4.37 25.27
N TYR A 98 -13.34 -3.36 24.40
CA TYR A 98 -14.05 -2.14 24.69
C TYR A 98 -14.57 -1.54 23.42
N VAL A 99 -15.51 -0.61 23.57
CA VAL A 99 -16.20 0.04 22.47
C VAL A 99 -15.87 1.55 22.49
N PRO A 100 -14.88 1.99 21.70
CA PRO A 100 -14.47 3.38 21.81
C PRO A 100 -15.60 4.38 21.55
N GLU A 101 -16.55 4.01 20.69
CA GLU A 101 -17.67 4.87 20.30
C GLU A 101 -18.56 5.29 21.46
N LYS A 102 -18.49 4.56 22.58
CA LYS A 102 -19.32 4.86 23.74
C LYS A 102 -18.58 5.59 24.87
N ASP A 103 -17.35 6.04 24.60
CA ASP A 103 -16.62 6.85 25.56
C ASP A 103 -17.32 8.20 25.74
N PRO A 104 -17.80 8.50 26.96
CA PRO A 104 -18.63 9.70 27.19
C PRO A 104 -17.94 11.04 26.98
N VAL A 105 -16.64 11.09 27.27
CA VAL A 105 -15.84 12.30 27.12
C VAL A 105 -15.18 12.35 25.73
N ARG A 106 -14.55 11.24 25.35
CA ARG A 106 -13.76 11.19 24.12
C ARG A 106 -14.66 11.14 22.90
N GLY A 107 -15.75 10.37 22.99
CA GLY A 107 -16.64 10.15 21.86
C GLY A 107 -17.12 11.42 21.16
N PRO A 108 -17.69 12.37 21.92
CA PRO A 108 -18.11 13.65 21.33
C PRO A 108 -16.95 14.51 20.79
N GLN A 109 -15.74 14.34 21.32
CA GLN A 109 -14.58 15.09 20.83
C GLN A 109 -14.18 14.61 19.45
N VAL A 110 -14.06 13.30 19.29
CA VAL A 110 -13.80 12.68 18.01
C VAL A 110 -14.82 13.14 16.96
N MET A 111 -16.09 12.98 17.27
CA MET A 111 -17.16 13.30 16.31
C MET A 111 -17.17 14.77 15.90
N ALA A 112 -16.80 15.65 16.82
CA ALA A 112 -16.71 17.08 16.51
C ALA A 112 -15.55 17.34 15.53
N ALA A 113 -14.38 16.80 15.85
CA ALA A 113 -13.19 16.92 15.00
C ALA A 113 -13.43 16.34 13.60
N VAL A 114 -14.00 15.14 13.55
CA VAL A 114 -14.25 14.45 12.29
C VAL A 114 -15.16 15.25 11.36
N GLN A 115 -16.22 15.83 11.94
CA GLN A 115 -17.15 16.71 11.19
C GLN A 115 -16.46 18.01 10.72
N LYS A 116 -15.70 18.64 11.62
CA LYS A 116 -15.00 19.88 11.29
C LYS A 116 -13.98 19.63 10.20
N LEU A 117 -13.26 18.52 10.32
CA LEU A 117 -12.27 18.13 9.30
C LEU A 117 -12.95 17.92 7.97
N GLY A 118 -14.05 17.16 7.98
CA GLY A 118 -14.78 16.90 6.75
C GLY A 118 -15.09 18.18 6.01
N GLN A 119 -15.53 19.20 6.72
CA GLN A 119 -15.93 20.46 6.10
C GLN A 119 -14.74 21.26 5.57
N LEU A 120 -13.65 21.22 6.32
CA LEU A 120 -12.39 21.81 5.88
C LEU A 120 -11.83 21.14 4.63
N LEU A 121 -11.92 19.82 4.55
CA LEU A 121 -11.43 19.08 3.38
C LEU A 121 -12.20 19.46 2.11
N ALA A 122 -13.48 19.79 2.28
CA ALA A 122 -14.38 20.07 1.15
C ALA A 122 -14.14 21.47 0.60
N THR A 123 -13.56 22.34 1.41
CA THR A 123 -13.38 23.75 1.08
C THR A 123 -11.90 24.20 1.11
N LYS A 124 -11.41 24.50 2.32
CA LYS A 124 -10.05 25.01 2.52
C LYS A 124 -8.97 24.17 1.82
N TYR A 125 -9.16 22.84 1.81
CA TYR A 125 -8.18 21.90 1.22
C TYR A 125 -8.68 21.14 0.00
N GLN A 126 -9.64 21.71 -0.70
CA GLN A 126 -10.15 21.08 -1.93
C GLN A 126 -8.99 20.69 -2.85
N GLY A 127 -9.00 19.44 -3.34
CA GLY A 127 -7.95 18.94 -4.21
C GLY A 127 -6.98 17.98 -3.54
N TYR A 128 -6.91 18.06 -2.22
CA TYR A 128 -6.13 17.11 -1.39
C TYR A 128 -6.24 15.64 -1.83
N ASP A 129 -7.42 15.26 -2.34
CA ASP A 129 -7.73 13.86 -2.61
C ASP A 129 -7.35 13.35 -3.99
N ALA A 130 -6.79 14.22 -4.82
CA ALA A 130 -6.31 13.81 -6.14
C ALA A 130 -5.23 12.69 -6.02
N ASN A 131 -5.28 11.76 -6.96
CA ASN A 131 -4.30 10.69 -7.04
C ASN A 131 -2.94 11.29 -7.41
N GLY A 132 -1.89 10.77 -6.80
CA GLY A 132 -0.53 11.29 -7.05
C GLY A 132 -0.31 12.63 -6.37
N HIS A 133 0.88 13.20 -6.57
CA HIS A 133 1.28 14.43 -5.89
C HIS A 133 1.76 15.53 -6.85
N TYR A 134 1.59 15.28 -8.15
CA TYR A 134 2.02 16.21 -9.22
C TYR A 134 1.21 17.51 -9.22
N ASN A 135 -0.03 17.42 -8.71
CA ASN A 135 -0.79 18.60 -8.35
C ASN A 135 -0.40 18.98 -6.92
N LYS A 136 0.36 20.06 -6.78
CA LYS A 136 0.96 20.45 -5.50
C LYS A 136 -0.12 20.75 -4.45
N VAL A 137 -0.04 20.07 -3.31
CA VAL A 137 -1.05 20.20 -2.26
C VAL A 137 -0.81 21.43 -1.40
N HIS A 138 -1.87 21.88 -0.75
CA HIS A 138 -1.81 22.94 0.26
C HIS A 138 -0.66 22.67 1.25
N GLU A 139 0.07 23.72 1.64
CA GLU A 139 1.25 23.55 2.51
C GLU A 139 0.95 22.78 3.80
N ASP A 140 -0.24 22.99 4.35
CA ASP A 140 -0.63 22.33 5.59
C ASP A 140 -0.58 20.80 5.46
N LEU A 141 -0.88 20.30 4.25
CA LEU A 141 -0.90 18.85 4.01
C LEU A 141 0.49 18.22 3.93
N MET A 142 1.50 19.08 3.85
CA MET A 142 2.91 18.64 3.84
C MET A 142 3.46 18.35 5.24
N LEU A 143 2.69 18.73 6.26
CA LEU A 143 3.03 18.50 7.66
C LEU A 143 2.66 17.07 8.09
N PRO A 144 3.32 16.54 9.14
CA PRO A 144 2.85 15.28 9.70
C PRO A 144 1.37 15.39 10.09
N PHE A 145 0.63 14.28 9.94
CA PHE A 145 -0.83 14.29 10.11
C PHE A 145 -1.32 14.94 11.40
N ASP A 146 -0.66 14.64 12.53
CA ASP A 146 -1.08 15.21 13.81
C ASP A 146 -0.89 16.72 13.84
N GLU A 147 0.21 17.19 13.25
CA GLU A 147 0.48 18.61 13.16
C GLU A 147 -0.57 19.30 12.29
N PHE A 148 -0.86 18.70 11.14
CA PHE A 148 -1.97 19.14 10.29
C PHE A 148 -3.28 19.29 11.08
N LEU A 149 -3.64 18.23 11.82
CA LEU A 149 -4.85 18.26 12.67
C LEU A 149 -4.80 19.35 13.74
N ALA A 150 -3.66 19.45 14.44
CA ALA A 150 -3.45 20.45 15.47
C ALA A 150 -3.67 21.88 14.97
N LEU A 151 -3.17 22.16 13.78
CA LEU A 151 -3.33 23.49 13.18
C LEU A 151 -4.80 23.85 12.98
N ASN A 152 -5.64 22.84 12.80
CA ASN A 152 -7.06 23.04 12.55
C ASN A 152 -7.94 22.71 13.77
N GLY A 153 -7.33 22.56 14.94
CA GLY A 153 -8.07 22.13 16.14
C GLY A 153 -8.84 20.81 16.01
N CYS A 154 -8.32 19.86 15.25
CA CYS A 154 -9.05 18.63 14.94
C CYS A 154 -8.31 17.37 15.42
N GLU A 155 -7.47 17.52 16.44
CA GLU A 155 -6.64 16.43 16.96
C GLU A 155 -7.41 15.12 17.22
N ALA A 156 -8.60 15.24 17.80
CA ALA A 156 -9.45 14.07 18.11
C ALA A 156 -9.86 13.24 16.87
N ALA A 157 -9.77 13.82 15.69
CA ALA A 157 -10.05 13.07 14.46
C ALA A 157 -9.17 11.82 14.28
N ARG A 158 -7.97 11.85 14.85
CA ARG A 158 -6.98 10.79 14.73
C ARG A 158 -7.46 9.45 15.27
N ASP A 159 -8.33 9.46 16.29
CA ASP A 159 -8.89 8.21 16.83
C ASP A 159 -9.64 7.41 15.78
N LEU A 160 -10.32 8.10 14.86
CA LEU A 160 -11.02 7.43 13.76
C LEU A 160 -10.04 7.03 12.65
N TRP A 161 -9.21 7.97 12.22
CA TRP A 161 -8.30 7.79 11.07
C TRP A 161 -7.19 6.77 11.31
N ILE A 162 -6.82 6.57 12.57
CA ILE A 162 -5.63 5.80 12.89
C ILE A 162 -5.80 4.30 12.64
N ASN A 163 -6.99 3.78 12.87
CA ASN A 163 -7.22 2.33 12.83
C ASN A 163 -7.01 1.70 11.44
N PRO A 164 -7.56 2.32 10.37
CA PRO A 164 -7.22 1.85 9.01
C PRO A 164 -5.91 2.40 8.46
N PHE A 165 -5.13 3.10 9.29
CA PHE A 165 -3.88 3.67 8.81
C PHE A 165 -2.66 3.02 9.44
N THR A 166 -2.42 3.32 10.71
CA THR A 166 -1.26 2.83 11.42
C THR A 166 -1.26 1.30 11.56
N ALA A 167 -2.40 0.74 11.95
CA ALA A 167 -2.58 -0.72 12.04
C ALA A 167 -2.35 -1.43 10.71
N PHE A 168 -2.73 -0.76 9.62
CA PHE A 168 -2.52 -1.25 8.24
C PHE A 168 -1.10 -0.99 7.76
N GLY A 169 -0.23 -0.57 8.68
CA GLY A 169 1.20 -0.62 8.49
C GLY A 169 1.79 0.61 7.86
N TYR A 170 0.96 1.64 7.73
CA TYR A 170 1.36 2.87 7.08
C TYR A 170 2.14 3.82 7.98
N GLY A 171 2.31 3.48 9.24
CA GLY A 171 3.15 4.29 10.12
C GLY A 171 2.35 5.24 10.96
N HIS A 172 3.03 6.23 11.52
CA HIS A 172 2.50 6.98 12.64
C HIS A 172 2.30 8.46 12.31
N PHE A 173 1.20 9.01 12.82
CA PHE A 173 0.76 10.37 12.53
C PHE A 173 1.69 11.47 13.09
N ASP A 174 2.54 11.11 14.04
CA ASP A 174 3.54 12.05 14.56
C ASP A 174 4.58 12.46 13.49
N ASN A 175 4.72 11.66 12.43
CA ASN A 175 5.68 11.93 11.37
C ASN A 175 5.20 11.78 9.92
N VAL A 176 4.29 10.85 9.62
CA VAL A 176 3.85 10.64 8.23
C VAL A 176 3.05 11.83 7.72
N PRO A 177 3.47 12.45 6.60
CA PRO A 177 2.79 13.65 6.10
C PRO A 177 1.29 13.49 5.77
N ALA A 178 0.51 14.55 6.05
CA ALA A 178 -0.95 14.55 5.85
C ALA A 178 -1.39 14.12 4.44
N ALA A 179 -0.62 14.52 3.43
CA ALA A 179 -0.94 14.23 2.01
C ALA A 179 -1.11 12.73 1.70
N TYR A 180 -0.30 11.89 2.33
CA TYR A 180 -0.44 10.46 2.16
C TYR A 180 -1.74 9.99 2.80
N VAL A 181 -2.00 10.44 4.02
CA VAL A 181 -3.12 9.93 4.81
C VAL A 181 -4.43 10.20 4.07
N LEU A 182 -4.58 11.45 3.63
CA LEU A 182 -5.83 11.96 3.10
C LEU A 182 -6.09 11.62 1.62
N LYS A 183 -5.04 11.17 0.91
CA LYS A 183 -5.18 10.59 -0.43
C LYS A 183 -5.69 9.15 -0.39
N TYR A 184 -5.31 8.40 0.65
CA TYR A 184 -5.89 7.10 0.97
C TYR A 184 -7.21 7.27 1.72
N LEU A 185 -7.13 7.71 2.96
CA LEU A 185 -8.34 7.96 3.75
C LEU A 185 -8.86 9.36 3.48
N ASP A 186 -9.36 9.57 2.28
CA ASP A 186 -10.10 10.78 2.00
C ASP A 186 -11.43 10.65 2.72
N PHE A 187 -12.19 11.72 2.81
CA PHE A 187 -13.34 11.70 3.71
C PHE A 187 -14.31 10.55 3.35
N VAL A 188 -14.52 10.31 2.06
CA VAL A 188 -15.44 9.25 1.64
C VAL A 188 -14.94 7.86 2.00
N THR A 189 -13.63 7.65 1.88
CA THR A 189 -13.03 6.36 2.18
C THR A 189 -13.07 6.11 3.68
N MET A 190 -12.68 7.12 4.47
CA MET A 190 -12.76 7.04 5.92
C MET A 190 -14.17 6.62 6.34
N MET A 191 -15.18 7.28 5.80
CA MET A 191 -16.57 6.94 6.10
C MET A 191 -16.93 5.49 5.75
N SER A 192 -16.47 5.03 4.58
CA SER A 192 -16.68 3.64 4.16
C SER A 192 -16.06 2.64 5.13
N PHE A 193 -14.87 2.96 5.64
CA PHE A 193 -14.27 2.16 6.73
C PHE A 193 -15.13 2.23 7.99
N ALA A 194 -15.61 3.43 8.32
CA ALA A 194 -16.43 3.65 9.52
C ALA A 194 -17.72 2.85 9.46
N LYS A 195 -18.36 2.84 8.30
CA LYS A 195 -19.56 2.05 8.08
C LYS A 195 -19.30 0.54 7.94
N GLY A 196 -18.07 0.16 7.60
CA GLY A 196 -17.74 -1.24 7.26
C GLY A 196 -18.21 -1.62 5.84
N ASP A 197 -18.26 -0.62 4.96
CA ASP A 197 -18.63 -0.87 3.56
C ASP A 197 -17.34 -1.20 2.80
N LEU A 198 -16.92 -2.46 2.91
CA LEU A 198 -15.58 -2.89 2.51
C LEU A 198 -15.59 -4.12 1.60
N TRP A 199 -14.83 -4.08 0.52
CA TRP A 199 -14.69 -5.22 -0.39
C TRP A 199 -13.65 -6.22 0.10
N THR A 200 -13.96 -7.49 -0.05
CA THR A 200 -13.01 -8.59 0.13
C THR A 200 -13.27 -9.60 -0.98
N TRP A 201 -12.31 -10.49 -1.17
CA TRP A 201 -12.37 -11.47 -2.26
C TRP A 201 -12.16 -12.87 -1.69
N ALA A 202 -13.09 -13.78 -2.01
CA ALA A 202 -13.01 -15.20 -1.56
C ALA A 202 -11.71 -15.85 -1.95
N ASP A 203 -11.29 -15.61 -3.20
CA ASP A 203 -10.07 -16.19 -3.75
C ASP A 203 -8.88 -15.26 -3.60
N GLY A 204 -9.02 -14.28 -2.71
CA GLY A 204 -7.92 -13.39 -2.36
C GLY A 204 -7.72 -12.22 -3.30
N THR A 205 -7.13 -11.15 -2.77
CA THR A 205 -6.84 -9.98 -3.57
C THR A 205 -5.92 -10.39 -4.73
N GLN A 206 -5.05 -11.38 -4.54
CA GLN A 206 -4.11 -11.81 -5.57
C GLN A 206 -4.82 -12.33 -6.82
N ALA A 207 -5.97 -12.97 -6.65
CA ALA A 207 -6.69 -13.66 -7.74
C ALA A 207 -6.93 -12.78 -8.95
N MET A 208 -7.44 -11.57 -8.72
CA MET A 208 -7.83 -10.68 -9.82
C MET A 208 -6.65 -10.11 -10.62
N PHE A 209 -5.49 -10.01 -9.98
CA PHE A 209 -4.28 -9.60 -10.67
C PHE A 209 -3.64 -10.79 -11.39
N GLU A 210 -3.80 -12.00 -10.86
CA GLU A 210 -3.45 -13.19 -11.62
C GLU A 210 -4.29 -13.23 -12.90
N HIS A 211 -5.59 -13.00 -12.77
CA HIS A 211 -6.48 -13.02 -13.93
C HIS A 211 -6.25 -11.84 -14.89
N LEU A 212 -5.97 -10.65 -14.35
CA LEU A 212 -5.62 -9.52 -15.18
C LEU A 212 -4.43 -9.84 -16.09
N ASN A 213 -3.40 -10.42 -15.49
CA ASN A 213 -2.21 -10.88 -16.19
C ASN A 213 -2.58 -11.78 -17.35
N ALA A 214 -3.43 -12.77 -17.07
CA ALA A 214 -3.96 -13.67 -18.09
C ALA A 214 -4.65 -12.93 -19.24
N THR A 215 -5.40 -11.88 -18.95
CA THR A 215 -6.12 -11.13 -20.01
C THR A 215 -5.21 -10.25 -20.87
N LEU A 216 -3.99 -9.99 -20.41
CA LEU A 216 -3.03 -9.16 -21.14
C LEU A 216 -2.55 -9.83 -22.43
N GLU A 217 -2.34 -9.00 -23.45
CA GLU A 217 -1.70 -9.39 -24.70
C GLU A 217 -0.32 -9.97 -24.42
N HIS A 218 0.42 -9.35 -23.49
CA HIS A 218 1.72 -9.88 -23.04
C HIS A 218 1.77 -10.01 -21.52
N PRO A 219 1.37 -11.18 -21.01
CA PRO A 219 1.52 -11.51 -19.60
C PRO A 219 2.96 -11.33 -19.10
N ALA A 220 3.11 -11.15 -17.79
CA ALA A 220 4.42 -10.87 -17.23
C ALA A 220 5.42 -11.99 -17.54
N GLU A 221 6.65 -11.58 -17.86
CA GLU A 221 7.81 -12.46 -17.87
C GLU A 221 8.29 -12.61 -16.42
N ARG A 222 8.38 -13.84 -15.91
CA ARG A 222 8.70 -14.08 -14.50
C ARG A 222 10.14 -14.49 -14.35
N ASN A 223 10.60 -14.64 -13.10
CA ASN A 223 11.95 -15.12 -12.81
C ASN A 223 13.05 -14.36 -13.54
N VAL A 224 12.80 -13.07 -13.79
CA VAL A 224 13.74 -12.22 -14.50
C VAL A 224 14.61 -11.46 -13.51
N ASP A 225 15.89 -11.85 -13.46
CA ASP A 225 16.91 -11.30 -12.58
C ASP A 225 17.66 -10.22 -13.35
N ILE A 226 17.14 -9.00 -13.28
CA ILE A 226 17.76 -7.83 -13.91
C ILE A 226 19.00 -7.41 -13.13
N THR A 227 20.15 -7.45 -13.80
CA THR A 227 21.43 -7.12 -13.16
C THR A 227 21.92 -5.72 -13.53
N ARG A 228 21.44 -5.18 -14.65
CA ARG A 228 21.91 -3.90 -15.15
C ARG A 228 20.90 -3.22 -16.08
N ILE A 229 20.66 -1.93 -15.87
CA ILE A 229 19.93 -1.09 -16.82
C ILE A 229 20.77 0.16 -17.09
N THR A 230 21.06 0.39 -18.38
CA THR A 230 21.77 1.58 -18.84
C THR A 230 20.94 2.28 -19.91
N ARG A 231 21.02 3.60 -19.97
CA ARG A 231 20.12 4.38 -20.80
C ARG A 231 20.88 5.41 -21.62
N GLU A 232 21.55 4.93 -22.65
CA GLU A 232 22.33 5.80 -23.54
C GLU A 232 21.72 5.83 -24.94
N ASP A 233 22.16 6.80 -25.74
CA ASP A 233 21.80 6.92 -27.16
C ASP A 233 20.28 7.02 -27.38
N GLY A 234 19.54 7.36 -26.33
CA GLY A 234 18.08 7.49 -26.40
C GLY A 234 17.33 6.19 -26.27
N LYS A 235 18.00 5.15 -25.76
CA LYS A 235 17.41 3.82 -25.60
C LYS A 235 17.61 3.29 -24.19
N VAL A 236 16.87 2.23 -23.87
CA VAL A 236 16.99 1.54 -22.61
C VAL A 236 17.51 0.13 -22.84
N HIS A 237 18.72 -0.14 -22.37
CA HIS A 237 19.25 -1.50 -22.44
C HIS A 237 19.18 -2.17 -21.09
N ILE A 238 18.50 -3.32 -21.06
CA ILE A 238 18.26 -4.09 -19.85
C ILE A 238 19.11 -5.34 -19.94
N HIS A 239 19.84 -5.65 -18.87
CA HIS A 239 20.65 -6.86 -18.81
C HIS A 239 20.16 -7.78 -17.68
N THR A 240 19.88 -9.03 -18.03
CA THR A 240 19.46 -10.03 -17.06
C THR A 240 20.48 -11.15 -17.02
N THR A 241 20.14 -12.21 -16.30
CA THR A 241 20.98 -13.39 -16.19
C THR A 241 20.95 -14.24 -17.47
N ASP A 242 19.82 -14.22 -18.16
CA ASP A 242 19.60 -15.02 -19.36
C ASP A 242 19.81 -14.24 -20.67
N TRP A 243 19.71 -12.92 -20.61
CA TRP A 243 19.78 -12.11 -21.83
C TRP A 243 19.98 -10.64 -21.50
N ASP A 244 20.36 -9.87 -22.52
CA ASP A 244 20.33 -8.43 -22.43
C ASP A 244 19.65 -7.87 -23.68
N ARG A 245 18.70 -6.95 -23.47
CA ARG A 245 17.85 -6.47 -24.57
C ARG A 245 17.56 -4.99 -24.53
N GLU A 246 17.22 -4.45 -25.69
CA GLU A 246 17.02 -3.03 -25.88
C GLU A 246 15.53 -2.70 -25.95
N SER A 247 15.14 -1.66 -25.22
CA SER A 247 13.81 -1.08 -25.32
C SER A 247 13.91 0.42 -25.60
N ASP A 248 12.76 1.02 -25.91
CA ASP A 248 12.68 2.45 -26.20
C ASP A 248 12.33 3.24 -24.96
N VAL A 249 11.44 2.66 -24.14
CA VAL A 249 10.91 3.32 -22.96
C VAL A 249 10.96 2.39 -21.74
N LEU A 250 11.25 2.97 -20.58
CA LEU A 250 11.28 2.26 -19.30
C LEU A 250 10.22 2.80 -18.34
N VAL A 251 9.44 1.91 -17.75
CA VAL A 251 8.42 2.28 -16.77
C VAL A 251 8.65 1.50 -15.47
N LEU A 252 8.96 2.24 -14.41
CA LEU A 252 9.35 1.67 -13.12
C LEU A 252 8.19 1.64 -12.19
N THR A 253 7.80 0.45 -11.74
CA THR A 253 6.81 0.28 -10.66
C THR A 253 7.45 -0.41 -9.46
N VAL A 254 8.79 -0.39 -9.42
CA VAL A 254 9.59 -1.06 -8.39
C VAL A 254 10.28 -0.06 -7.48
N PRO A 255 10.78 -0.53 -6.31
CA PRO A 255 11.47 0.38 -5.39
C PRO A 255 12.59 1.18 -6.07
N LEU A 256 12.45 2.50 -6.01
CA LEU A 256 13.29 3.40 -6.78
C LEU A 256 14.66 3.64 -6.16
N GLU A 257 14.75 3.57 -4.83
CA GLU A 257 16.03 3.60 -4.16
C GLU A 257 16.85 2.33 -4.44
N LYS A 258 16.17 1.19 -4.64
CA LYS A 258 16.84 -0.08 -4.95
C LYS A 258 17.33 -0.12 -6.40
N PHE A 259 16.55 0.54 -7.27
CA PHE A 259 16.86 0.73 -8.70
C PHE A 259 18.18 1.44 -8.89
N LEU A 260 18.54 2.31 -7.94
CA LEU A 260 19.82 2.99 -7.95
C LEU A 260 20.99 2.01 -8.03
N ASP A 261 20.82 0.87 -7.35
CA ASP A 261 21.90 -0.10 -7.21
C ASP A 261 22.18 -0.95 -8.47
N TYR A 262 21.31 -0.90 -9.47
CA TYR A 262 21.52 -1.67 -10.71
C TYR A 262 21.29 -0.87 -12.00
N SER A 263 21.39 0.45 -11.89
CA SER A 263 21.17 1.33 -13.02
C SER A 263 22.29 2.34 -13.10
N ASP A 264 22.38 3.00 -14.26
CA ASP A 264 23.21 4.19 -14.46
C ASP A 264 22.45 5.42 -13.94
N ALA A 265 22.02 5.34 -12.69
CA ALA A 265 21.24 6.41 -12.07
C ALA A 265 21.98 7.75 -12.17
N ASP A 266 21.27 8.81 -12.55
CA ASP A 266 21.89 10.11 -12.62
C ASP A 266 21.90 10.82 -11.24
N ASP A 267 22.52 11.99 -11.21
CA ASP A 267 22.74 12.75 -9.98
C ASP A 267 21.45 12.96 -9.20
N ASP A 268 20.36 13.22 -9.93
CA ASP A 268 19.05 13.51 -9.35
C ASP A 268 18.38 12.25 -8.81
N GLU A 269 18.53 11.16 -9.55
CA GLU A 269 17.98 9.90 -9.14
C GLU A 269 18.63 9.46 -7.82
N ARG A 270 19.96 9.41 -7.78
CA ARG A 270 20.68 9.12 -6.53
C ARG A 270 20.22 10.05 -5.40
N GLU A 271 20.33 11.35 -5.62
CA GLU A 271 20.01 12.36 -4.59
C GLU A 271 18.60 12.24 -4.04
N TYR A 272 17.62 12.10 -4.93
CA TYR A 272 16.22 12.09 -4.52
C TYR A 272 15.71 10.71 -4.14
N PHE A 273 16.08 9.68 -4.88
CA PHE A 273 15.61 8.33 -4.52
C PHE A 273 16.24 7.83 -3.20
N SER A 274 17.41 8.36 -2.86
CA SER A 274 18.07 8.08 -1.57
C SER A 274 17.30 8.62 -0.38
N LYS A 275 16.35 9.53 -0.60
CA LYS A 275 15.55 10.10 0.49
C LYS A 275 14.32 9.26 0.85
N ILE A 276 14.02 8.28 0.00
CA ILE A 276 12.85 7.42 0.18
C ILE A 276 13.03 6.62 1.46
N ILE A 277 11.99 6.60 2.29
CA ILE A 277 11.94 5.77 3.49
C ILE A 277 10.77 4.80 3.36
N HIS A 278 10.91 3.63 3.97
CA HIS A 278 9.87 2.61 3.88
C HIS A 278 9.55 2.03 5.26
N GLN A 279 8.43 1.32 5.32
CA GLN A 279 7.96 0.67 6.52
C GLN A 279 8.33 -0.81 6.47
N GLN A 280 8.74 -1.31 7.63
CA GLN A 280 8.95 -2.74 7.83
C GLN A 280 7.70 -3.37 8.51
N TYR A 281 6.77 -3.84 7.67
CA TYR A 281 5.45 -4.34 8.11
C TYR A 281 5.40 -5.87 8.06
N MET A 282 5.22 -6.49 9.24
CA MET A 282 5.35 -7.95 9.37
C MET A 282 4.03 -8.62 9.61
N VAL A 283 3.76 -9.62 8.79
CA VAL A 283 2.55 -10.41 8.87
C VAL A 283 2.97 -11.82 9.27
N ASP A 284 2.23 -12.40 10.20
CA ASP A 284 2.40 -13.78 10.59
C ASP A 284 1.07 -14.47 10.41
N ALA A 285 1.08 -15.58 9.68
CA ALA A 285 -0.11 -16.41 9.48
C ALA A 285 -0.10 -17.49 10.55
N CYS A 286 -1.15 -17.48 11.38
CA CYS A 286 -1.20 -18.27 12.62
C CYS A 286 -2.33 -19.29 12.66
N LEU A 287 -2.03 -20.49 13.14
CA LEU A 287 -3.03 -21.39 13.67
C LEU A 287 -3.16 -21.03 15.13
N VAL A 288 -4.39 -20.86 15.60
CA VAL A 288 -4.63 -20.42 16.96
C VAL A 288 -5.43 -21.49 17.72
N LYS A 289 -5.18 -21.61 19.02
CA LYS A 289 -6.15 -22.24 19.91
C LYS A 289 -6.99 -21.10 20.49
N GLU A 290 -8.25 -21.39 20.76
CA GLU A 290 -9.24 -20.35 21.08
C GLU A 290 -9.37 -19.43 19.86
N TYR A 291 -10.15 -19.88 18.88
CA TYR A 291 -10.38 -19.15 17.64
C TYR A 291 -11.21 -17.88 17.89
N PRO A 292 -10.74 -16.71 17.45
CA PRO A 292 -11.62 -15.54 17.52
C PRO A 292 -12.89 -15.73 16.73
N THR A 293 -13.95 -15.02 17.13
CA THR A 293 -15.22 -15.02 16.41
C THR A 293 -15.37 -13.73 15.61
N ILE A 294 -14.33 -12.89 15.65
CA ILE A 294 -14.32 -11.57 15.03
C ILE A 294 -12.87 -11.07 14.95
N SER A 295 -12.57 -10.15 14.02
CA SER A 295 -11.23 -9.52 13.95
C SER A 295 -11.05 -8.53 15.11
N GLY A 296 -9.82 -8.21 15.46
CA GLY A 296 -9.58 -7.27 16.55
C GLY A 296 -8.53 -6.24 16.26
N TYR A 297 -8.81 -4.99 16.67
CA TYR A 297 -7.86 -3.87 16.59
C TYR A 297 -7.38 -3.49 17.98
N VAL A 298 -6.18 -2.92 18.02
CA VAL A 298 -5.54 -2.59 19.29
C VAL A 298 -4.91 -1.19 19.20
N PRO A 299 -5.75 -0.15 19.34
CA PRO A 299 -5.25 1.23 19.33
C PRO A 299 -4.12 1.44 20.31
N ASP A 300 -4.21 0.86 21.50
CA ASP A 300 -3.12 0.92 22.47
C ASP A 300 -1.76 0.62 21.84
N ASN A 301 -1.74 -0.39 20.95
CA ASN A 301 -0.50 -0.93 20.35
C ASN A 301 -0.09 -0.23 19.05
N MET A 302 -0.85 0.81 18.67
CA MET A 302 -0.54 1.69 17.53
C MET A 302 0.23 2.96 17.92
N ARG A 303 0.43 3.16 19.22
CA ARG A 303 1.33 4.16 19.76
C ARG A 303 2.78 3.80 19.41
N PRO A 304 3.61 4.80 19.08
CA PRO A 304 5.04 4.58 18.81
C PRO A 304 5.77 3.89 19.97
N GLU A 305 5.31 4.19 21.19
CA GLU A 305 5.80 3.57 22.41
C GLU A 305 5.54 2.08 22.43
N ARG A 306 4.62 1.61 21.59
CA ARG A 306 4.28 0.20 21.50
C ARG A 306 4.71 -0.48 20.19
N LEU A 307 5.62 0.16 19.45
CA LEU A 307 6.18 -0.41 18.22
C LEU A 307 6.63 -1.87 18.40
N GLY A 308 6.25 -2.73 17.47
CA GLY A 308 6.62 -4.15 17.52
C GLY A 308 5.47 -4.99 18.01
N HIS A 309 4.50 -4.36 18.65
CA HIS A 309 3.34 -5.11 19.15
C HIS A 309 2.31 -5.32 18.07
N VAL A 310 1.49 -6.35 18.23
CA VAL A 310 0.38 -6.59 17.30
C VAL A 310 -0.66 -5.48 17.42
N MET A 311 -0.97 -4.86 16.28
CA MET A 311 -1.92 -3.76 16.22
C MET A 311 -3.31 -4.19 15.77
N VAL A 312 -3.40 -5.34 15.11
CA VAL A 312 -4.63 -5.85 14.57
C VAL A 312 -4.41 -7.30 14.16
N TYR A 313 -5.48 -8.09 14.20
CA TYR A 313 -5.44 -9.43 13.63
C TYR A 313 -6.69 -9.67 12.83
N TYR A 314 -6.57 -10.52 11.82
CA TYR A 314 -7.61 -10.77 10.84
C TYR A 314 -8.28 -12.14 10.99
N HIS A 315 -9.57 -12.12 11.29
CA HIS A 315 -10.47 -13.29 11.31
C HIS A 315 -11.17 -13.43 9.94
N ARG A 316 -10.77 -14.43 9.16
CA ARG A 316 -11.20 -14.50 7.74
C ARG A 316 -12.30 -15.53 7.46
N TRP A 317 -12.02 -16.79 7.83
CA TRP A 317 -12.96 -17.88 7.64
C TRP A 317 -13.61 -18.22 8.96
N ALA A 318 -14.84 -17.75 9.14
CA ALA A 318 -15.53 -17.81 10.42
C ALA A 318 -15.98 -19.24 10.79
N ASP A 319 -16.15 -20.07 9.77
CA ASP A 319 -16.70 -21.40 9.96
C ASP A 319 -15.68 -22.49 10.30
N ASP A 320 -14.41 -22.17 10.39
CA ASP A 320 -13.40 -23.20 10.64
C ASP A 320 -12.33 -22.72 11.62
N PRO A 321 -12.35 -23.25 12.86
CA PRO A 321 -11.41 -22.80 13.90
C PRO A 321 -9.97 -23.24 13.70
N HIS A 322 -9.71 -24.00 12.64
CA HIS A 322 -8.38 -24.48 12.32
C HIS A 322 -7.82 -23.74 11.10
N GLN A 323 -8.47 -22.64 10.71
CA GLN A 323 -7.99 -21.79 9.62
C GLN A 323 -7.04 -20.69 10.09
N ILE A 324 -6.46 -19.98 9.12
CA ILE A 324 -5.42 -18.98 9.39
C ILE A 324 -5.97 -17.68 9.94
N ILE A 325 -5.32 -17.18 10.98
CA ILE A 325 -5.55 -15.86 11.53
C ILE A 325 -4.24 -15.13 11.36
N THR A 326 -4.24 -14.02 10.63
CA THR A 326 -3.00 -13.29 10.39
C THR A 326 -2.90 -12.14 11.39
N THR A 327 -1.66 -11.84 11.81
CA THR A 327 -1.35 -10.76 12.73
C THR A 327 -0.47 -9.75 12.03
N TYR A 328 -0.53 -8.51 12.53
CA TYR A 328 0.12 -7.35 11.90
C TYR A 328 0.83 -6.49 12.93
N LEU A 329 2.12 -6.27 12.73
CA LEU A 329 2.91 -5.37 13.60
C LEU A 329 3.90 -4.59 12.74
N LEU A 330 4.39 -3.50 13.30
CA LEU A 330 5.37 -2.67 12.61
C LEU A 330 6.72 -2.68 13.34
N ARG A 331 7.79 -2.72 12.55
CA ARG A 331 9.14 -2.88 13.08
C ARG A 331 9.97 -1.60 13.11
N ASN A 332 9.44 -0.50 12.57
CA ASN A 332 10.22 0.74 12.47
C ASN A 332 9.42 1.99 12.78
N HIS A 333 10.13 3.04 13.19
CA HIS A 333 9.59 4.38 13.41
C HIS A 333 10.81 5.32 13.45
N PRO A 334 10.66 6.56 12.94
CA PRO A 334 11.81 7.49 12.95
C PRO A 334 12.47 7.74 14.32
N ASP A 335 11.69 7.67 15.39
CA ASP A 335 12.17 8.00 16.73
C ASP A 335 12.81 6.82 17.49
N TYR A 336 12.79 5.63 16.86
CA TYR A 336 13.29 4.39 17.47
C TYR A 336 14.19 3.57 16.55
N ALA A 337 15.03 2.75 17.17
CA ALA A 337 15.82 1.75 16.43
C ALA A 337 14.88 0.65 15.96
N ASP A 338 15.20 0.01 14.85
CA ASP A 338 14.32 -1.03 14.30
C ASP A 338 14.16 -2.14 15.34
N LYS A 339 12.96 -2.71 15.39
CA LYS A 339 12.72 -3.90 16.22
C LYS A 339 13.18 -5.12 15.42
N THR A 340 13.75 -6.13 16.10
CA THR A 340 14.26 -7.32 15.41
C THR A 340 13.09 -8.21 15.01
N GLN A 341 13.29 -9.09 14.03
CA GLN A 341 12.25 -10.06 13.68
C GLN A 341 12.05 -11.01 14.88
N GLU A 342 13.15 -11.31 15.57
CA GLU A 342 13.18 -12.15 16.77
C GLU A 342 12.16 -11.68 17.80
N GLU A 343 12.29 -10.42 18.20
CA GLU A 343 11.55 -9.90 19.34
C GLU A 343 10.10 -9.63 18.96
N CYS A 344 9.90 -9.28 17.69
CA CYS A 344 8.56 -9.07 17.18
C CYS A 344 7.77 -10.38 17.06
N ARG A 345 8.41 -11.46 16.59
CA ARG A 345 7.74 -12.75 16.56
C ARG A 345 7.36 -13.20 17.98
N GLN A 346 8.23 -12.96 18.96
CA GLN A 346 7.88 -13.32 20.35
C GLN A 346 6.69 -12.49 20.84
N MET A 347 6.61 -11.23 20.43
CA MET A 347 5.45 -10.39 20.76
C MET A 347 4.16 -10.90 20.12
N VAL A 348 4.26 -11.49 18.94
CA VAL A 348 3.11 -12.14 18.32
C VAL A 348 2.60 -13.24 19.29
N LEU A 349 3.51 -14.07 19.76
CA LEU A 349 3.10 -15.13 20.69
C LEU A 349 2.51 -14.50 21.95
N ASP A 350 3.25 -13.56 22.55
CA ASP A 350 2.87 -13.00 23.84
C ASP A 350 1.60 -12.15 23.76
N ASP A 351 1.49 -11.34 22.71
CA ASP A 351 0.28 -10.51 22.52
C ASP A 351 -0.99 -11.37 22.29
N MET A 352 -0.93 -12.33 21.39
CA MET A 352 -2.10 -13.19 21.14
C MET A 352 -2.55 -14.00 22.36
N GLU A 353 -1.60 -14.45 23.16
CA GLU A 353 -1.97 -15.14 24.40
C GLU A 353 -2.70 -14.20 25.35
N THR A 354 -2.14 -13.01 25.50
CA THR A 354 -2.78 -11.94 26.25
C THR A 354 -4.21 -11.64 25.76
N PHE A 355 -4.38 -11.61 24.44
CA PHE A 355 -5.70 -11.37 23.83
C PHE A 355 -6.66 -12.56 24.02
N GLY A 356 -6.13 -13.72 24.42
CA GLY A 356 -6.95 -14.93 24.62
C GLY A 356 -7.08 -15.80 23.40
N HIS A 357 -6.16 -15.63 22.45
CA HIS A 357 -6.17 -16.38 21.20
C HIS A 357 -4.77 -16.94 20.98
N PRO A 358 -4.30 -17.82 21.90
CA PRO A 358 -2.91 -18.26 21.84
C PRO A 358 -2.49 -19.03 20.56
N VAL A 359 -1.28 -18.76 20.09
CA VAL A 359 -0.78 -19.32 18.84
C VAL A 359 -0.29 -20.75 19.08
N GLU A 360 -0.75 -21.69 18.27
CA GLU A 360 -0.16 -23.02 18.23
C GLU A 360 0.96 -23.10 17.24
N LYS A 361 0.82 -22.37 16.12
CA LYS A 361 1.77 -22.42 15.04
C LYS A 361 1.73 -21.16 14.19
N ILE A 362 2.91 -20.71 13.74
CA ILE A 362 3.04 -19.72 12.66
C ILE A 362 3.56 -20.47 11.44
N ILE A 363 2.71 -20.60 10.42
CA ILE A 363 3.04 -21.37 9.22
C ILE A 363 3.72 -20.52 8.14
N GLU A 364 3.52 -19.19 8.20
CA GLU A 364 4.18 -18.26 7.30
C GLU A 364 4.40 -16.88 7.93
N GLU A 365 5.58 -16.31 7.67
CA GLU A 365 5.93 -14.97 8.10
C GLU A 365 6.55 -14.20 6.97
N GLN A 366 6.15 -12.93 6.87
CA GLN A 366 6.71 -12.03 5.87
C GLN A 366 6.87 -10.64 6.44
N THR A 367 8.08 -10.07 6.34
CA THR A 367 8.26 -8.62 6.49
C THR A 367 8.29 -8.00 5.09
N TRP A 368 7.34 -7.11 4.84
CA TRP A 368 7.15 -6.53 3.52
C TRP A 368 7.87 -5.19 3.39
N TYR A 369 8.40 -4.91 2.20
CA TYR A 369 8.82 -3.57 1.84
C TYR A 369 7.52 -2.82 1.60
N TYR A 370 7.25 -1.87 2.49
CA TYR A 370 5.93 -1.32 2.62
C TYR A 370 5.99 0.18 2.64
N PHE A 371 4.94 0.78 2.09
CA PHE A 371 4.72 2.22 2.10
C PHE A 371 5.95 3.08 1.89
N PRO A 372 6.54 3.02 0.68
CA PRO A 372 7.60 3.99 0.43
C PRO A 372 7.03 5.40 0.45
N HIS A 373 7.73 6.30 1.09
CA HIS A 373 7.32 7.68 1.16
C HIS A 373 8.52 8.56 1.52
N VAL A 374 8.29 9.87 1.60
CA VAL A 374 9.33 10.81 2.06
C VAL A 374 8.85 11.57 3.30
N SER A 375 9.80 12.19 3.98
CA SER A 375 9.55 12.88 5.22
C SER A 375 8.82 14.18 4.94
N SER A 376 8.19 14.72 5.98
CA SER A 376 7.53 16.02 5.87
C SER A 376 8.47 17.09 5.31
N GLU A 377 9.69 17.16 5.85
CA GLU A 377 10.72 18.10 5.37
C GLU A 377 11.05 17.93 3.88
N ASP A 378 11.31 16.69 3.50
CA ASP A 378 11.62 16.37 2.11
C ASP A 378 10.39 16.65 1.22
N TYR A 379 9.20 16.33 1.70
CA TYR A 379 7.97 16.66 0.97
C TYR A 379 7.89 18.19 0.74
N LYS A 380 8.13 18.96 1.82
CA LYS A 380 8.06 20.42 1.84
C LYS A 380 9.11 21.00 0.92
N ALA A 381 10.28 20.36 0.89
CA ALA A 381 11.43 20.83 0.10
C ALA A 381 11.19 20.65 -1.40
N GLY A 382 10.10 19.96 -1.76
CA GLY A 382 9.64 19.87 -3.15
C GLY A 382 9.83 18.52 -3.81
N TRP A 383 10.09 17.47 -3.02
CA TRP A 383 10.43 16.14 -3.55
C TRP A 383 9.70 15.77 -4.84
N TYR A 384 8.37 15.87 -4.85
CA TYR A 384 7.54 15.42 -5.98
C TYR A 384 7.49 16.43 -7.15
N GLU A 385 7.77 17.70 -6.88
CA GLU A 385 7.95 18.67 -7.94
C GLU A 385 9.17 18.24 -8.76
N LYS A 386 10.23 17.87 -8.05
CA LYS A 386 11.43 17.37 -8.71
C LYS A 386 11.16 16.05 -9.44
N VAL A 387 10.67 15.04 -8.73
CA VAL A 387 10.59 13.70 -9.33
C VAL A 387 9.57 13.64 -10.49
N GLU A 388 8.45 14.35 -10.35
CA GLU A 388 7.47 14.43 -11.44
C GLU A 388 7.99 15.28 -12.61
N GLY A 389 8.79 16.30 -12.29
CA GLY A 389 9.49 17.06 -13.30
C GLY A 389 10.49 16.21 -14.07
N MET A 390 11.04 15.18 -13.42
CA MET A 390 11.94 14.24 -14.09
C MET A 390 11.26 13.25 -15.02
N GLN A 391 9.93 13.23 -15.06
CA GLN A 391 9.23 12.22 -15.85
C GLN A 391 9.67 12.24 -17.30
N GLY A 392 9.84 11.06 -17.89
CA GLY A 392 10.22 10.95 -19.29
C GLY A 392 11.69 11.18 -19.58
N ARG A 393 12.46 11.59 -18.57
CA ARG A 393 13.91 11.82 -18.72
C ARG A 393 14.62 10.54 -19.11
N ARG A 394 15.31 10.61 -20.25
CA ARG A 394 15.95 9.45 -20.86
C ARG A 394 14.99 8.29 -20.96
N ASN A 395 13.77 8.61 -21.40
CA ASN A 395 12.71 7.64 -21.66
C ASN A 395 12.38 6.75 -20.47
N THR A 396 12.57 7.31 -19.27
CA THR A 396 12.29 6.62 -18.02
C THR A 396 11.14 7.31 -17.34
N PHE A 397 10.12 6.53 -16.95
CA PHE A 397 8.97 7.04 -16.22
C PHE A 397 8.90 6.37 -14.85
N TYR A 398 8.35 7.11 -13.88
CA TYR A 398 8.34 6.74 -12.47
C TYR A 398 6.91 6.54 -11.98
N ALA A 399 6.67 5.38 -11.36
CA ALA A 399 5.33 5.00 -10.90
C ALA A 399 5.37 4.10 -9.65
N GLY A 400 4.28 3.39 -9.37
CA GLY A 400 4.22 2.53 -8.19
C GLY A 400 3.96 3.30 -6.91
N GLU A 401 4.17 2.66 -5.78
CA GLU A 401 3.72 3.20 -4.50
C GLU A 401 4.31 4.59 -4.18
N ILE A 402 5.61 4.77 -4.41
CA ILE A 402 6.28 6.04 -4.06
C ILE A 402 5.61 7.28 -4.69
N MET A 403 5.05 7.14 -5.90
CA MET A 403 4.48 8.28 -6.65
C MET A 403 3.01 8.60 -6.34
N SER A 404 2.39 7.71 -5.58
CA SER A 404 0.97 7.81 -5.25
C SER A 404 0.80 7.49 -3.76
N PHE A 405 0.46 6.24 -3.46
CA PHE A 405 0.32 5.80 -2.09
C PHE A 405 0.41 4.30 -2.08
N GLY A 406 0.79 3.74 -0.93
CA GLY A 406 0.92 2.30 -0.76
C GLY A 406 -0.40 1.55 -0.67
N ASN A 407 -1.33 1.77 -1.61
CA ASN A 407 -2.52 0.90 -1.77
C ASN A 407 -2.77 0.55 -3.23
N PHE A 408 -3.52 -0.53 -3.46
CA PHE A 408 -3.55 -1.10 -4.81
C PHE A 408 -4.49 -0.36 -5.77
N ASP A 409 -5.48 0.37 -5.25
CA ASP A 409 -6.24 1.23 -6.14
C ASP A 409 -5.44 2.46 -6.53
N GLU A 410 -4.69 3.01 -5.58
CA GLU A 410 -3.95 4.24 -5.81
C GLU A 410 -2.88 4.04 -6.87
N VAL A 411 -2.15 2.93 -6.77
CA VAL A 411 -1.09 2.63 -7.73
C VAL A 411 -1.64 2.31 -9.13
N CYS A 412 -2.74 1.57 -9.20
CA CYS A 412 -3.34 1.22 -10.48
C CYS A 412 -3.90 2.48 -11.15
N HIS A 413 -4.61 3.30 -10.36
CA HIS A 413 -5.12 4.62 -10.81
C HIS A 413 -3.99 5.53 -11.33
N TYR A 414 -2.87 5.53 -10.61
CA TYR A 414 -1.70 6.27 -11.07
C TYR A 414 -1.15 5.71 -12.38
N SER A 415 -1.07 4.38 -12.50
CA SER A 415 -0.63 3.75 -13.76
C SER A 415 -1.54 4.14 -14.96
N LYS A 416 -2.85 3.99 -14.78
CA LYS A 416 -3.87 4.46 -15.74
C LYS A 416 -3.60 5.89 -16.21
N ASP A 417 -3.44 6.79 -15.24
CA ASP A 417 -3.26 8.22 -15.55
C ASP A 417 -1.90 8.49 -16.21
N LEU A 418 -0.88 7.70 -15.89
CA LEU A 418 0.44 7.85 -16.50
C LEU A 418 0.35 7.74 -18.03
N VAL A 419 -0.48 6.82 -18.50
CA VAL A 419 -0.68 6.59 -19.92
C VAL A 419 -1.36 7.81 -20.52
N THR A 420 -2.38 8.31 -19.82
CA THR A 420 -3.05 9.55 -20.20
C THR A 420 -2.10 10.74 -20.19
N ARG A 421 -1.30 10.86 -19.14
CA ARG A 421 -0.46 12.06 -18.97
C ARG A 421 0.70 12.16 -19.96
N PHE A 422 1.30 11.02 -20.33
CA PHE A 422 2.54 11.03 -21.12
C PHE A 422 2.56 10.24 -22.44
N PHE A 423 1.69 9.26 -22.61
CA PHE A 423 1.80 8.36 -23.74
C PHE A 423 0.84 8.70 -24.86
N VAL A 424 -0.43 8.88 -24.54
CA VAL A 424 -1.45 9.11 -25.57
C VAL A 424 -1.20 10.44 -26.31
NA NA B . -7.83 8.42 -3.32
NA NA C . -16.54 5.94 14.97
PA FAD D . 4.05 -4.31 -5.12
O1A FAD D . 2.69 -4.82 -4.76
O2A FAD D . 5.10 -4.36 -4.02
O5B FAD D . 4.62 -5.18 -6.33
C5B FAD D . 5.88 -4.83 -6.85
C4B FAD D . 6.37 -5.89 -7.81
O4B FAD D . 7.61 -5.49 -8.34
C3B FAD D . 6.54 -7.25 -7.13
O3B FAD D . 5.84 -8.25 -7.83
C2B FAD D . 8.04 -7.46 -7.12
O2B FAD D . 8.41 -8.84 -7.11
C1B FAD D . 8.47 -6.62 -8.34
N9A FAD D . 9.89 -6.25 -8.23
C8A FAD D . 10.52 -5.62 -7.18
N7A FAD D . 11.85 -5.49 -7.48
C5A FAD D . 12.06 -6.03 -8.71
C6A FAD D . 13.22 -6.19 -9.50
N6A FAD D . 14.32 -5.42 -9.23
N1A FAD D . 13.09 -6.77 -10.76
C2A FAD D . 11.87 -7.25 -11.21
N3A FAD D . 10.74 -7.10 -10.41
C4A FAD D . 10.84 -6.52 -9.19
N1 FAD D . -3.78 -2.18 -0.34
C2 FAD D . -5.10 -1.76 -0.38
O2 FAD D . -5.51 -1.13 -1.36
N3 FAD D . -5.93 -2.02 0.69
C4 FAD D . -5.47 -2.73 1.78
O4 FAD D . -6.25 -2.95 2.71
C4X FAD D . -4.14 -3.17 1.81
N5 FAD D . -3.63 -3.86 2.90
C5X FAD D . -2.37 -4.44 2.88
C6 FAD D . -1.95 -5.25 3.93
C7 FAD D . -0.69 -5.86 3.87
C7M FAD D . -0.28 -6.74 5.00
C8 FAD D . 0.13 -5.64 2.77
C8M FAD D . 1.49 -6.26 2.66
C9 FAD D . -0.30 -4.82 1.72
C9A FAD D . -1.56 -4.21 1.77
N10 FAD D . -2.01 -3.36 0.74
C10 FAD D . -3.31 -2.90 0.73
C1' FAD D . -1.05 -2.66 -0.16
C2' FAD D . -1.04 -3.26 -1.56
O2' FAD D . -0.94 -4.68 -1.54
C3' FAD D . 0.13 -2.64 -2.31
O3' FAD D . 0.08 -1.22 -2.19
C4' FAD D . 0.12 -3.06 -3.77
O4' FAD D . 0.45 -4.43 -3.92
C5' FAD D . 1.08 -2.17 -4.54
O5' FAD D . 1.34 -2.71 -5.81
P FAD D . 2.70 -2.32 -6.60
O1P FAD D . 2.79 -3.07 -7.91
O2P FAD D . 2.71 -0.84 -6.78
O3P FAD D . 3.92 -2.81 -5.67
O37 12P E . -20.45 8.06 10.72
C36 12P E . -19.06 7.84 10.98
C35 12P E . -18.85 6.57 11.78
O34 12P E . -19.49 6.71 13.05
C33 12P E . -19.26 5.61 13.93
C32 12P E . -19.71 5.95 15.36
O31 12P E . -19.23 7.25 15.76
C30 12P E . -19.35 7.51 17.16
C29 12P E . -18.09 8.21 17.69
O28 12P E . -17.02 7.27 17.86
C27 12P E . -15.73 7.87 18.03
C26 12P E . -14.74 6.77 18.40
O25 12P E . -13.63 6.64 17.49
C24 12P E . -13.85 5.73 16.41
C23 12P E . -13.75 4.26 16.81
O22 12P E . -12.98 3.51 15.87
C21 12P E . -13.63 3.08 14.67
C20 12P E . -13.04 3.78 13.45
O19 12P E . -12.09 2.99 12.72
C18 12P E . -12.67 2.01 11.86
C17 12P E . -11.95 0.68 12.01
O16 12P E . -11.84 0.09 10.72
C15 12P E . -11.69 -1.32 10.63
C14 12P E . -12.79 -1.93 9.76
O13 12P E . -12.34 -3.12 9.09
C12 12P E . -12.32 -4.27 9.93
C11 12P E . -11.66 -5.47 9.27
O10 12P E . -10.40 -5.82 9.87
C9 12P E . -9.35 -5.93 8.89
C8 12P E . -8.03 -6.43 9.45
O7 12P E . -6.91 -5.83 8.74
C6 12P E . -5.63 -6.38 9.06
C5 12P E . -4.56 -5.36 8.66
O4 12P E . -4.26 -5.49 7.26
C3 12P E . -5.37 -5.11 6.44
C2 12P E . -4.99 -5.09 4.97
O1 12P E . -6.10 -5.22 4.06
#